data_6H53
#
_entry.id   6H53
#
_cell.length_a   69.726
_cell.length_b   72.896
_cell.length_c   102.452
_cell.angle_alpha   90.000
_cell.angle_beta   90.000
_cell.angle_gamma   90.000
#
_symmetry.space_group_name_H-M   'P 21 21 21'
#
loop_
_entity.id
_entity.type
_entity.pdbx_description
1 polymer 'CDP-diacylglycerol--inositol 3-phosphatidyltransferase'
2 non-polymer 'SULFATE ION'
3 non-polymer 'UNKNOWN BRANCHED FRAGMENT OF PHOSPHOLIPID'
#
_entity_poly.entity_id   1
_entity_poly.type   'polypeptide(L)'
_entity_poly.pdbx_seq_one_letter_code
;MSKLPFLSRAAFARITTPIARGLLRVGLTPDVVTILGTTASVAGALTLFPMGKLFAGACVVWFFVLFDMLDGAMARERGG
GTRFGAVLDATCDRISDGAVFCGLLWWIAFHMRDRPLVIATLICLVTSQVISYIKARAEASGLRGDGGFIERPERLIIVL
TGAGVSDFPFVPWPPALSVGMWLLAVASVITCVQRLHTVWTSPGAIDRMAIPGKGDR
;
_entity_poly.pdbx_strand_id   A,B
#
# COMPACT_ATOMS: atom_id res chain seq x y z
N THR A 17 -14.88 27.14 -4.40
CA THR A 17 -15.16 27.61 -3.04
C THR A 17 -16.60 28.11 -2.86
N PRO A 18 -17.29 28.57 -3.91
CA PRO A 18 -18.74 28.69 -3.77
C PRO A 18 -19.38 27.33 -3.73
N ILE A 19 -18.77 26.37 -4.45
CA ILE A 19 -19.22 24.98 -4.43
C ILE A 19 -19.14 24.44 -3.03
N ALA A 20 -18.02 24.68 -2.36
CA ALA A 20 -17.85 24.21 -0.99
C ALA A 20 -18.90 24.81 -0.07
N ARG A 21 -19.19 26.10 -0.24
CA ARG A 21 -20.23 26.72 0.58
C ARG A 21 -21.57 26.04 0.35
N GLY A 22 -21.93 25.80 -0.91
CA GLY A 22 -23.21 25.19 -1.21
C GLY A 22 -23.30 23.76 -0.69
N LEU A 23 -22.19 23.01 -0.77
CA LEU A 23 -22.18 21.64 -0.23
C LEU A 23 -22.28 21.63 1.29
N LEU A 24 -21.73 22.64 1.96
CA LEU A 24 -21.96 22.79 3.39
C LEU A 24 -23.43 23.05 3.67
N ARG A 25 -24.06 23.88 2.84
CA ARG A 25 -25.46 24.25 3.05
C ARG A 25 -26.34 23.02 3.20
N VAL A 26 -26.17 22.03 2.32
CA VAL A 26 -27.09 20.90 2.28
C VAL A 26 -26.96 19.96 3.48
N GLY A 27 -25.89 20.05 4.26
CA GLY A 27 -25.68 19.14 5.37
C GLY A 27 -24.56 18.15 5.20
N LEU A 28 -23.69 18.36 4.22
CA LEU A 28 -22.53 17.51 4.01
C LEU A 28 -21.34 18.02 4.81
N THR A 29 -20.73 17.14 5.59
CA THR A 29 -19.48 17.49 6.24
C THR A 29 -18.32 17.24 5.29
N PRO A 30 -17.16 17.89 5.52
CA PRO A 30 -15.99 17.59 4.69
C PRO A 30 -15.63 16.11 4.67
N ASP A 31 -15.73 15.43 5.82
CA ASP A 31 -15.45 14.00 5.89
C ASP A 31 -16.40 13.22 5.00
N VAL A 32 -17.68 13.55 5.06
CA VAL A 32 -18.66 12.86 4.22
C VAL A 32 -18.32 13.07 2.76
N VAL A 33 -17.95 14.29 2.38
CA VAL A 33 -17.63 14.57 0.99
C VAL A 33 -16.39 13.80 0.55
N THR A 34 -15.40 13.67 1.44
CA THR A 34 -14.23 12.86 1.08
C THR A 34 -14.61 11.41 0.88
N ILE A 35 -15.43 10.85 1.77
CA ILE A 35 -15.80 9.45 1.66
C ILE A 35 -16.63 9.23 0.41
N LEU A 36 -17.55 10.14 0.10
CA LEU A 36 -18.35 9.96 -1.11
C LEU A 36 -17.49 10.11 -2.35
N GLY A 37 -16.59 11.09 -2.36
CA GLY A 37 -15.72 11.24 -3.51
C GLY A 37 -14.86 10.01 -3.71
N THR A 38 -14.29 9.50 -2.62
CA THR A 38 -13.47 8.30 -2.69
C THR A 38 -14.30 7.11 -3.11
N THR A 39 -15.52 6.98 -2.60
CA THR A 39 -16.37 5.87 -2.99
C THR A 39 -16.66 5.95 -4.48
N ALA A 40 -16.98 7.14 -4.97
CA ALA A 40 -17.28 7.32 -6.39
C ALA A 40 -16.06 7.07 -7.25
N SER A 41 -14.89 7.57 -6.82
CA SER A 41 -13.65 7.35 -7.55
C SER A 41 -13.33 5.87 -7.64
N VAL A 42 -13.49 5.15 -6.53
CA VAL A 42 -13.18 3.73 -6.50
C VAL A 42 -14.14 2.97 -7.41
N ALA A 43 -15.43 3.25 -7.27
CA ALA A 43 -16.42 2.63 -8.14
C ALA A 43 -16.13 2.93 -9.61
N GLY A 44 -15.75 4.17 -9.93
CA GLY A 44 -15.42 4.48 -11.30
C GLY A 44 -14.22 3.70 -11.77
N ALA A 45 -13.18 3.63 -10.96
CA ALA A 45 -11.97 2.94 -11.36
C ALA A 45 -12.24 1.47 -11.58
N LEU A 46 -13.05 0.86 -10.71
CA LEU A 46 -13.29 -0.57 -10.75
C LEU A 46 -14.42 -0.99 -11.68
N THR A 47 -15.24 -0.04 -12.15
CA THR A 47 -16.25 -0.32 -13.14
C THR A 47 -15.69 -0.09 -14.53
N LEU A 48 -15.00 1.02 -14.72
CA LEU A 48 -14.62 1.41 -16.07
C LEU A 48 -13.33 0.72 -16.52
N PHE A 49 -12.31 0.71 -15.68
CA PHE A 49 -11.03 0.18 -16.13
C PHE A 49 -11.13 -1.30 -16.50
N PRO A 50 -11.74 -2.16 -15.69
CA PRO A 50 -11.82 -3.58 -16.09
C PRO A 50 -12.60 -3.78 -17.39
N MET A 51 -13.50 -2.86 -17.75
CA MET A 51 -14.23 -2.94 -19.01
C MET A 51 -13.44 -2.44 -20.20
N GLY A 52 -12.23 -1.93 -20.01
CA GLY A 52 -11.48 -1.32 -21.09
C GLY A 52 -11.86 0.10 -21.43
N LYS A 53 -12.85 0.66 -20.73
CA LYS A 53 -13.23 2.08 -20.84
C LYS A 53 -12.17 2.86 -20.08
N LEU A 54 -11.00 2.98 -20.72
CA LEU A 54 -9.86 3.58 -20.05
C LEU A 54 -9.95 5.11 -20.06
N PHE A 55 -10.43 5.69 -21.17
CA PHE A 55 -10.55 7.14 -21.25
C PHE A 55 -11.60 7.67 -20.29
N ALA A 56 -12.79 7.07 -20.34
CA ALA A 56 -13.85 7.45 -19.41
C ALA A 56 -13.40 7.23 -17.98
N GLY A 57 -12.73 6.11 -17.72
CA GLY A 57 -12.24 5.86 -16.39
C GLY A 57 -11.28 6.94 -15.95
N ALA A 58 -10.42 7.36 -16.87
CA ALA A 58 -9.42 8.38 -16.56
C ALA A 58 -10.08 9.71 -16.27
N CYS A 59 -11.06 10.09 -17.07
CA CYS A 59 -11.76 11.35 -16.85
C CYS A 59 -12.49 11.34 -15.51
N VAL A 60 -13.13 10.21 -15.16
CA VAL A 60 -13.85 10.13 -13.90
C VAL A 60 -12.89 10.19 -12.71
N VAL A 61 -11.77 9.47 -12.80
CA VAL A 61 -10.80 9.47 -11.71
C VAL A 61 -10.17 10.84 -11.57
N TRP A 62 -9.90 11.53 -12.68
CA TRP A 62 -9.37 12.88 -12.55
C TRP A 62 -10.40 13.80 -11.93
N PHE A 63 -11.64 13.69 -12.40
CA PHE A 63 -12.72 14.46 -11.80
C PHE A 63 -12.70 14.31 -10.30
N PHE A 64 -12.81 13.07 -9.81
CA PHE A 64 -12.92 12.90 -8.37
C PHE A 64 -11.62 13.18 -7.64
N VAL A 65 -10.47 13.17 -8.31
CA VAL A 65 -9.28 13.79 -7.73
C VAL A 65 -9.57 15.24 -7.42
N LEU A 66 -10.10 15.96 -8.40
CA LEU A 66 -10.34 17.39 -8.22
C LEU A 66 -11.44 17.64 -7.21
N PHE A 67 -12.55 16.91 -7.34
CA PHE A 67 -13.70 17.03 -6.44
C PHE A 67 -13.34 16.75 -5.00
N ASP A 68 -12.30 15.97 -4.73
CA ASP A 68 -11.95 15.68 -3.36
C ASP A 68 -11.18 16.82 -2.71
N MET A 69 -10.56 17.68 -3.51
CA MET A 69 -9.97 18.88 -2.94
C MET A 69 -11.02 19.77 -2.29
N LEU A 70 -12.31 19.54 -2.57
CA LEU A 70 -13.35 20.36 -1.95
C LEU A 70 -13.43 20.16 -0.45
N ASP A 71 -12.85 19.09 0.10
CA ASP A 71 -12.90 18.88 1.53
C ASP A 71 -12.14 19.99 2.26
N GLY A 72 -10.98 20.39 1.74
CA GLY A 72 -10.25 21.49 2.35
C GLY A 72 -10.97 22.82 2.20
N ALA A 73 -11.57 23.07 1.04
CA ALA A 73 -12.35 24.29 0.88
C ALA A 73 -13.48 24.35 1.91
N MET A 74 -14.17 23.22 2.12
CA MET A 74 -15.26 23.20 3.08
C MET A 74 -14.75 23.40 4.51
N ALA A 75 -13.60 22.80 4.83
CA ALA A 75 -13.04 22.99 6.17
C ALA A 75 -12.67 24.46 6.41
N ARG A 76 -12.04 25.08 5.41
CA ARG A 76 -11.66 26.49 5.48
C ARG A 76 -12.89 27.36 5.66
N GLU A 77 -13.95 27.07 4.92
CA GLU A 77 -15.18 27.83 5.04
C GLU A 77 -16.01 27.40 6.24
N ARG A 78 -15.45 26.56 7.12
CA ARG A 78 -16.04 26.28 8.42
C ARG A 78 -15.15 26.78 9.56
N GLY A 79 -14.09 27.53 9.24
CA GLY A 79 -13.16 27.93 10.27
C GLY A 79 -12.27 26.82 10.80
N GLY A 80 -12.10 25.73 10.06
CA GLY A 80 -11.15 24.75 10.52
C GLY A 80 -11.42 23.31 10.14
N GLY A 81 -10.35 22.63 9.76
CA GLY A 81 -10.35 21.19 9.66
C GLY A 81 -10.02 20.57 10.99
N THR A 82 -10.01 19.25 10.99
CA THR A 82 -9.63 18.47 12.15
C THR A 82 -8.46 17.55 11.79
N ARG A 83 -7.78 17.04 12.81
CA ARG A 83 -6.72 16.07 12.58
C ARG A 83 -7.29 14.81 11.96
N PHE A 84 -8.40 14.31 12.52
CA PHE A 84 -9.02 13.12 11.96
C PHE A 84 -9.33 13.32 10.49
N GLY A 85 -9.88 14.48 10.12
CA GLY A 85 -10.15 14.74 8.73
C GLY A 85 -8.92 14.60 7.87
N ALA A 86 -7.80 15.15 8.32
CA ALA A 86 -6.55 14.99 7.60
C ALA A 86 -6.23 13.51 7.39
N VAL A 87 -6.29 12.73 8.47
CA VAL A 87 -5.91 11.31 8.39
C VAL A 87 -6.85 10.56 7.48
N LEU A 88 -8.13 10.90 7.53
CA LEU A 88 -9.13 10.24 6.71
C LEU A 88 -8.91 10.56 5.24
N ASP A 89 -8.61 11.83 4.96
CA ASP A 89 -8.38 12.25 3.59
C ASP A 89 -7.16 11.53 3.00
N ALA A 90 -6.10 11.40 3.79
CA ALA A 90 -4.89 10.75 3.30
C ALA A 90 -5.15 9.26 3.04
N THR A 91 -5.72 8.59 4.05
CA THR A 91 -6.07 7.19 3.90
C THR A 91 -6.91 7.00 2.65
N CYS A 92 -7.84 7.92 2.41
CA CYS A 92 -8.71 7.80 1.25
C CYS A 92 -7.92 7.93 -0.05
N ASP A 93 -6.96 8.86 -0.09
CA ASP A 93 -6.12 8.96 -1.27
C ASP A 93 -5.43 7.64 -1.54
N ARG A 94 -5.00 6.94 -0.49
CA ARG A 94 -4.32 5.66 -0.68
C ARG A 94 -5.28 4.63 -1.24
N ILE A 95 -6.49 4.58 -0.69
CA ILE A 95 -7.49 3.63 -1.15
C ILE A 95 -7.81 3.90 -2.61
N SER A 96 -8.05 5.17 -2.94
CA SER A 96 -8.41 5.55 -4.29
C SER A 96 -7.31 5.19 -5.28
N ASP A 97 -6.04 5.45 -4.93
CA ASP A 97 -4.95 5.09 -5.82
C ASP A 97 -4.84 3.59 -5.99
N GLY A 98 -4.94 2.85 -4.89
CA GLY A 98 -4.94 1.42 -5.00
C GLY A 98 -6.01 0.94 -5.96
N ALA A 99 -7.16 1.59 -5.94
CA ALA A 99 -8.26 1.18 -6.79
C ALA A 99 -8.00 1.52 -8.25
N VAL A 100 -7.40 2.68 -8.50
CA VAL A 100 -7.03 3.02 -9.88
C VAL A 100 -6.12 1.94 -10.45
N PHE A 101 -5.05 1.63 -9.74
CA PHE A 101 -4.11 0.69 -10.30
C PHE A 101 -4.70 -0.70 -10.36
N CYS A 102 -5.60 -1.05 -9.44
CA CYS A 102 -6.19 -2.38 -9.48
C CYS A 102 -7.08 -2.54 -10.70
N GLY A 103 -7.88 -1.52 -11.00
CA GLY A 103 -8.72 -1.60 -12.20
C GLY A 103 -7.89 -1.70 -13.46
N LEU A 104 -6.85 -0.85 -13.57
CA LEU A 104 -5.97 -0.94 -14.73
C LEU A 104 -5.30 -2.30 -14.79
N LEU A 105 -4.87 -2.83 -13.66
CA LEU A 105 -4.28 -4.16 -13.63
C LEU A 105 -5.25 -5.21 -14.15
N TRP A 106 -6.52 -5.13 -13.78
CA TRP A 106 -7.47 -6.13 -14.25
C TRP A 106 -7.54 -6.11 -15.77
N TRP A 107 -7.72 -4.92 -16.33
CA TRP A 107 -7.74 -4.81 -17.79
C TRP A 107 -6.46 -5.35 -18.39
N ILE A 108 -5.34 -4.96 -17.80
CA ILE A 108 -4.04 -5.32 -18.37
C ILE A 108 -3.80 -6.82 -18.28
N ALA A 109 -4.12 -7.43 -17.14
CA ALA A 109 -3.78 -8.82 -16.88
C ALA A 109 -4.68 -9.78 -17.64
N PHE A 110 -5.95 -9.43 -17.81
CA PHE A 110 -6.91 -10.37 -18.35
C PHE A 110 -7.41 -9.99 -19.73
N HIS A 111 -7.03 -8.82 -20.29
CA HIS A 111 -7.44 -8.44 -21.63
C HIS A 111 -6.30 -7.95 -22.52
N MET A 112 -5.05 -8.28 -22.16
CA MET A 112 -3.90 -7.97 -22.98
C MET A 112 -2.91 -9.13 -22.84
N ARG A 113 -1.86 -9.10 -23.66
CA ARG A 113 -0.83 -10.15 -23.62
C ARG A 113 0.51 -9.48 -23.37
N ASP A 114 0.60 -8.76 -22.26
CA ASP A 114 1.77 -7.95 -21.92
C ASP A 114 2.11 -8.20 -20.45
N ARG A 115 2.64 -9.38 -20.15
CA ARG A 115 3.00 -9.71 -18.77
C ARG A 115 4.05 -8.79 -18.19
N PRO A 116 5.05 -8.33 -18.95
CA PRO A 116 5.93 -7.30 -18.41
C PRO A 116 5.15 -6.10 -17.93
N LEU A 117 4.08 -5.76 -18.65
CA LEU A 117 3.23 -4.66 -18.26
C LEU A 117 2.48 -4.97 -16.98
N VAL A 118 2.06 -6.22 -16.82
CA VAL A 118 1.46 -6.60 -15.55
C VAL A 118 2.44 -6.33 -14.42
N ILE A 119 3.71 -6.64 -14.64
CA ILE A 119 4.73 -6.39 -13.61
C ILE A 119 4.84 -4.90 -13.31
N ALA A 120 4.94 -4.10 -14.37
CA ALA A 120 5.06 -2.66 -14.22
C ALA A 120 3.87 -2.09 -13.45
N THR A 121 2.68 -2.58 -13.76
CA THR A 121 1.47 -2.12 -13.08
C THR A 121 1.52 -2.47 -11.60
N LEU A 122 1.95 -3.68 -11.28
CA LEU A 122 2.02 -4.08 -9.88
C LEU A 122 3.03 -3.24 -9.12
N ILE A 123 4.16 -2.94 -9.76
CA ILE A 123 5.14 -2.04 -9.15
C ILE A 123 4.50 -0.70 -8.86
N CYS A 124 3.78 -0.15 -9.83
CA CYS A 124 3.10 1.10 -9.58
C CYS A 124 2.11 0.97 -8.41
N LEU A 125 1.36 -0.13 -8.36
CA LEU A 125 0.40 -0.35 -7.28
C LEU A 125 1.09 -0.28 -5.92
N VAL A 126 2.18 -1.02 -5.77
CA VAL A 126 2.87 -1.10 -4.48
C VAL A 126 3.59 0.21 -4.16
N THR A 127 4.27 0.79 -5.15
CA THR A 127 5.00 2.03 -4.88
C THR A 127 4.06 3.20 -4.63
N SER A 128 2.85 3.21 -5.17
CA SER A 128 1.97 4.32 -4.83
C SER A 128 1.58 4.27 -3.36
N GLN A 129 1.55 3.08 -2.77
CA GLN A 129 1.29 2.99 -1.34
C GLN A 129 2.55 3.35 -0.55
N VAL A 130 3.67 2.74 -0.92
CA VAL A 130 4.90 2.87 -0.13
C VAL A 130 5.42 4.30 -0.14
N ILE A 131 5.31 5.01 -1.26
CA ILE A 131 5.81 6.39 -1.32
C ILE A 131 5.12 7.24 -0.26
N SER A 132 3.80 7.18 -0.20
CA SER A 132 3.05 7.87 0.82
C SER A 132 3.42 7.35 2.20
N TYR A 133 3.56 6.04 2.33
CA TYR A 133 3.87 5.44 3.63
C TYR A 133 5.15 6.02 4.20
N ILE A 134 6.19 6.11 3.39
CA ILE A 134 7.47 6.61 3.87
C ILE A 134 7.30 7.99 4.46
N LYS A 135 6.55 8.86 3.77
CA LYS A 135 6.30 10.19 4.28
C LYS A 135 5.62 10.16 5.65
N ALA A 136 4.50 9.43 5.75
CA ALA A 136 3.75 9.41 7.01
C ALA A 136 4.59 8.82 8.13
N ARG A 137 5.40 7.81 7.83
CA ARG A 137 6.17 7.13 8.87
C ARG A 137 7.34 8.01 9.32
N ALA A 138 7.96 8.69 8.36
CA ALA A 138 9.00 9.65 8.67
C ALA A 138 8.48 10.72 9.62
N GLU A 139 7.29 11.27 9.31
CA GLU A 139 6.67 12.25 10.19
C GLU A 139 6.33 11.67 11.55
N ALA A 140 5.84 10.43 11.60
CA ALA A 140 5.54 9.78 12.86
C ALA A 140 6.76 9.65 13.75
N SER A 141 7.96 9.58 13.18
CA SER A 141 9.16 9.59 14.02
C SER A 141 9.84 10.96 14.13
N GLY A 142 9.20 12.03 13.64
CA GLY A 142 9.79 13.35 13.64
C GLY A 142 10.81 13.64 12.57
N LEU A 143 10.92 12.78 11.56
CA LEU A 143 11.80 13.00 10.43
C LEU A 143 11.01 13.48 9.22
N ARG A 144 11.73 13.91 8.19
CA ARG A 144 11.10 14.31 6.94
C ARG A 144 11.10 13.11 6.00
N GLY A 145 10.08 13.03 5.15
CA GLY A 145 10.02 11.94 4.20
C GLY A 145 9.31 12.27 2.90
N ASP A 146 9.55 13.44 2.35
CA ASP A 146 8.87 13.90 1.15
C ASP A 146 9.85 13.96 -0.03
N GLY A 147 9.40 14.58 -1.12
CA GLY A 147 10.23 14.82 -2.28
C GLY A 147 10.08 13.74 -3.34
N GLY A 148 10.82 13.96 -4.43
CA GLY A 148 10.81 13.08 -5.58
C GLY A 148 10.13 13.73 -6.77
N ARG A 152 2.57 13.32 -6.27
CA ARG A 152 1.55 12.27 -6.43
C ARG A 152 0.59 12.67 -7.56
N PRO A 153 0.18 13.93 -7.61
CA PRO A 153 -0.63 14.36 -8.75
C PRO A 153 0.03 14.05 -10.08
N GLU A 154 1.34 14.23 -10.21
CA GLU A 154 1.97 14.00 -11.51
C GLU A 154 2.08 12.52 -11.83
N ARG A 155 2.26 11.68 -10.82
CA ARG A 155 2.19 10.25 -11.03
C ARG A 155 0.82 9.85 -11.61
N LEU A 156 -0.26 10.39 -11.04
CA LEU A 156 -1.58 10.12 -11.61
C LEU A 156 -1.68 10.69 -13.01
N ILE A 157 -1.18 11.90 -13.21
CA ILE A 157 -1.20 12.49 -14.54
C ILE A 157 -0.60 11.52 -15.55
N ILE A 158 0.54 10.93 -15.19
CA ILE A 158 1.24 10.05 -16.12
C ILE A 158 0.40 8.82 -16.43
N VAL A 159 -0.03 8.11 -15.39
CA VAL A 159 -0.70 6.84 -15.68
C VAL A 159 -2.04 7.09 -16.35
N LEU A 160 -2.77 8.11 -15.93
CA LEU A 160 -4.09 8.36 -16.51
C LEU A 160 -3.99 8.91 -17.92
N THR A 161 -3.05 9.81 -18.19
CA THR A 161 -2.83 10.25 -19.55
C THR A 161 -2.47 9.08 -20.45
N GLY A 162 -1.53 8.24 -20.00
CA GLY A 162 -1.21 7.05 -20.77
C GLY A 162 -2.43 6.23 -21.11
N ALA A 163 -3.27 5.98 -20.10
CA ALA A 163 -4.48 5.19 -20.31
C ALA A 163 -5.44 5.88 -21.28
N GLY A 164 -5.77 7.13 -21.00
CA GLY A 164 -6.74 7.82 -21.83
C GLY A 164 -6.32 7.89 -23.29
N VAL A 165 -5.03 8.18 -23.52
CA VAL A 165 -4.53 8.23 -24.89
C VAL A 165 -4.59 6.85 -25.50
N SER A 166 -4.30 5.83 -24.69
CA SER A 166 -4.36 4.47 -25.21
C SER A 166 -5.77 4.15 -25.71
N ASP A 167 -6.78 4.74 -25.08
CA ASP A 167 -8.18 4.48 -25.37
C ASP A 167 -8.88 5.77 -25.83
N PHE A 168 -8.12 6.63 -26.51
CA PHE A 168 -8.60 7.98 -26.81
C PHE A 168 -9.76 7.90 -27.79
N PRO A 169 -10.82 8.68 -27.60
CA PRO A 169 -12.04 8.51 -28.42
C PRO A 169 -11.78 8.67 -29.91
N PHE A 170 -10.69 9.31 -30.28
CA PHE A 170 -10.27 9.36 -31.66
C PHE A 170 -8.76 9.47 -31.71
N VAL A 171 -8.18 8.82 -32.72
CA VAL A 171 -6.73 8.82 -32.91
C VAL A 171 -6.08 8.33 -31.62
N PRO A 172 -6.46 7.17 -31.12
CA PRO A 172 -5.83 6.67 -29.90
C PRO A 172 -4.43 6.16 -30.19
N TRP A 173 -3.63 6.06 -29.14
CA TRP A 173 -2.29 5.51 -29.25
C TRP A 173 -2.13 4.43 -28.18
N PRO A 174 -2.48 3.19 -28.53
CA PRO A 174 -2.48 2.10 -27.53
C PRO A 174 -1.18 2.00 -26.75
N PRO A 175 -0.01 2.12 -27.39
CA PRO A 175 1.24 2.01 -26.61
C PRO A 175 1.29 2.96 -25.42
N ALA A 176 0.54 4.07 -25.47
CA ALA A 176 0.62 5.09 -24.43
C ALA A 176 0.39 4.53 -23.02
N LEU A 177 -0.47 3.52 -22.87
CA LEU A 177 -0.65 2.92 -21.55
C LEU A 177 0.67 2.37 -21.02
N SER A 178 1.32 1.51 -21.80
CA SER A 178 2.57 0.91 -21.37
C SER A 178 3.64 1.98 -21.10
N VAL A 179 3.79 2.92 -22.02
CA VAL A 179 4.70 4.02 -21.78
C VAL A 179 4.32 4.72 -20.49
N GLY A 180 3.04 5.03 -20.34
CA GLY A 180 2.61 5.60 -19.08
C GLY A 180 3.07 4.77 -17.91
N MET A 181 2.78 3.47 -17.93
CA MET A 181 3.03 2.67 -16.75
C MET A 181 4.52 2.51 -16.49
N TRP A 182 5.28 2.18 -17.53
CA TRP A 182 6.70 1.92 -17.33
C TRP A 182 7.42 3.14 -16.79
N LEU A 183 7.18 4.31 -17.39
CA LEU A 183 7.78 5.52 -16.84
C LEU A 183 7.44 5.64 -15.36
N LEU A 184 6.16 5.55 -15.03
CA LEU A 184 5.76 5.69 -13.65
C LEU A 184 6.50 4.68 -12.78
N ALA A 185 6.51 3.42 -13.21
CA ALA A 185 7.13 2.38 -12.39
C ALA A 185 8.58 2.75 -12.05
N VAL A 186 9.32 3.24 -13.04
CA VAL A 186 10.68 3.66 -12.78
C VAL A 186 10.67 4.89 -11.88
N ALA A 187 9.95 5.92 -12.30
CA ALA A 187 9.87 7.15 -11.52
C ALA A 187 9.50 6.88 -10.08
N SER A 188 8.58 5.94 -9.85
CA SER A 188 8.12 5.66 -8.50
C SER A 188 9.21 4.99 -7.69
N VAL A 189 9.91 4.02 -8.28
CA VAL A 189 10.96 3.33 -7.52
C VAL A 189 12.02 4.33 -7.08
N ILE A 190 12.45 5.18 -8.00
CA ILE A 190 13.42 6.22 -7.67
C ILE A 190 12.89 7.06 -6.52
N THR A 191 11.62 7.45 -6.60
CA THR A 191 11.04 8.29 -5.55
C THR A 191 11.21 7.61 -4.21
N CYS A 192 10.95 6.30 -4.16
CA CYS A 192 11.10 5.56 -2.92
C CYS A 192 12.49 5.76 -2.38
N VAL A 193 13.49 5.53 -3.23
CA VAL A 193 14.86 5.66 -2.80
C VAL A 193 15.12 7.09 -2.34
N GLN A 194 14.68 8.06 -3.15
CA GLN A 194 14.85 9.44 -2.76
C GLN A 194 14.20 9.71 -1.41
N ARG A 195 12.99 9.21 -1.18
CA ARG A 195 12.34 9.56 0.07
C ARG A 195 13.08 8.96 1.25
N LEU A 196 13.52 7.71 1.13
CA LEU A 196 14.28 7.14 2.22
C LEU A 196 15.54 7.95 2.48
N HIS A 197 16.12 8.52 1.43
CA HIS A 197 17.33 9.30 1.61
C HIS A 197 17.03 10.54 2.44
N THR A 198 15.90 11.19 2.16
CA THR A 198 15.49 12.32 2.97
C THR A 198 15.25 11.90 4.41
N VAL A 199 14.75 10.69 4.63
CA VAL A 199 14.69 10.22 6.00
C VAL A 199 16.11 10.13 6.54
N TRP A 200 16.98 9.44 5.79
CA TRP A 200 18.35 9.20 6.24
C TRP A 200 19.04 10.49 6.69
N THR A 201 18.85 11.58 5.94
CA THR A 201 19.55 12.84 6.18
C THR A 201 18.76 13.80 7.03
N SER A 202 17.61 13.38 7.56
CA SER A 202 16.92 14.23 8.50
C SER A 202 17.74 14.42 9.76
N PRO A 203 17.66 15.60 10.37
CA PRO A 203 18.28 15.80 11.68
C PRO A 203 17.72 14.82 12.69
N GLY A 204 18.62 14.18 13.44
CA GLY A 204 18.21 13.24 14.45
C GLY A 204 17.97 11.84 13.95
N ALA A 205 18.08 11.62 12.63
CA ALA A 205 17.76 10.32 12.06
C ALA A 205 18.60 9.23 12.68
N ILE A 206 19.86 9.53 13.01
CA ILE A 206 20.83 8.51 13.41
C ILE A 206 21.06 8.46 14.91
N ASP A 207 20.50 9.42 15.66
CA ASP A 207 20.56 9.36 17.11
C ASP A 207 19.92 8.08 17.63
N ARG A 208 20.55 7.48 18.63
CA ARG A 208 20.11 6.22 19.22
C ARG A 208 19.14 6.46 20.37
N MET A 209 18.11 5.62 20.45
CA MET A 209 17.16 5.67 21.56
C MET A 209 16.62 4.28 21.87
N THR B 16 16.73 -15.88 22.13
CA THR B 16 17.49 -15.85 20.88
C THR B 16 18.04 -14.45 20.60
N THR B 17 18.87 -13.98 21.54
CA THR B 17 19.64 -12.74 21.48
C THR B 17 21.11 -13.02 21.18
N PRO B 18 21.63 -14.24 21.35
CA PRO B 18 23.01 -14.49 20.90
C PRO B 18 23.21 -14.33 19.40
N ILE B 19 22.20 -14.59 18.56
CA ILE B 19 22.36 -14.29 17.15
C ILE B 19 22.61 -12.80 16.96
N ALA B 20 21.84 -11.97 17.64
CA ALA B 20 22.05 -10.53 17.58
C ALA B 20 23.43 -10.16 18.13
N ARG B 21 23.87 -10.84 19.19
CA ARG B 21 25.20 -10.60 19.74
C ARG B 21 26.27 -10.85 18.67
N GLY B 22 26.21 -12.01 18.01
CA GLY B 22 27.23 -12.36 17.05
C GLY B 22 27.20 -11.52 15.80
N LEU B 23 26.00 -11.20 15.32
CA LEU B 23 25.90 -10.35 14.14
C LEU B 23 26.35 -8.93 14.42
N LEU B 24 26.16 -8.43 15.64
CA LEU B 24 26.76 -7.16 16.01
C LEU B 24 28.27 -7.25 16.02
N ARG B 25 28.83 -8.34 16.55
CA ARG B 25 30.29 -8.43 16.59
C ARG B 25 30.89 -8.28 15.20
N VAL B 26 30.32 -8.98 14.21
CA VAL B 26 30.93 -9.00 12.88
C VAL B 26 30.92 -7.61 12.25
N GLY B 27 30.09 -6.70 12.75
CA GLY B 27 30.00 -5.36 12.22
C GLY B 27 28.74 -5.08 11.43
N LEU B 28 27.73 -5.94 11.53
CA LEU B 28 26.46 -5.71 10.84
C LEU B 28 25.55 -4.87 11.74
N THR B 29 25.02 -3.80 11.16
CA THR B 29 24.03 -2.99 11.85
C THR B 29 22.64 -3.60 11.70
N PRO B 30 21.70 -3.22 12.58
CA PRO B 30 20.30 -3.61 12.37
C PRO B 30 19.75 -3.21 11.01
N ASP B 31 20.13 -2.03 10.53
CA ASP B 31 19.64 -1.56 9.23
C ASP B 31 20.05 -2.50 8.10
N VAL B 32 21.31 -2.92 8.07
CA VAL B 32 21.75 -3.82 7.02
C VAL B 32 21.01 -5.15 7.10
N VAL B 33 20.79 -5.66 8.32
CA VAL B 33 20.09 -6.92 8.46
C VAL B 33 18.66 -6.78 7.98
N THR B 34 18.02 -5.65 8.26
CA THR B 34 16.68 -5.41 7.76
C THR B 34 16.67 -5.38 6.23
N ILE B 35 17.65 -4.72 5.63
CA ILE B 35 17.66 -4.63 4.17
C ILE B 35 17.85 -6.01 3.53
N LEU B 36 18.78 -6.81 4.07
CA LEU B 36 19.02 -8.13 3.51
C LEU B 36 17.84 -9.05 3.74
N GLY B 37 17.24 -9.01 4.93
CA GLY B 37 16.09 -9.84 5.19
C GLY B 37 14.95 -9.52 4.26
N THR B 38 14.69 -8.23 4.08
CA THR B 38 13.60 -7.83 3.21
C THR B 38 13.90 -8.25 1.77
N THR B 39 15.15 -8.10 1.32
CA THR B 39 15.48 -8.49 -0.04
C THR B 39 15.30 -9.99 -0.22
N ALA B 40 15.74 -10.79 0.74
CA ALA B 40 15.58 -12.24 0.60
C ALA B 40 14.11 -12.63 0.61
N SER B 41 13.32 -11.99 1.47
CA SER B 41 11.89 -12.26 1.51
C SER B 41 11.22 -11.91 0.18
N VAL B 42 11.58 -10.78 -0.42
CA VAL B 42 10.96 -10.36 -1.68
C VAL B 42 11.37 -11.32 -2.79
N ALA B 43 12.66 -11.62 -2.88
CA ALA B 43 13.11 -12.57 -3.89
C ALA B 43 12.41 -13.91 -3.74
N GLY B 44 12.24 -14.38 -2.51
CA GLY B 44 11.55 -15.63 -2.30
C GLY B 44 10.10 -15.57 -2.74
N ALA B 45 9.40 -14.51 -2.32
CA ALA B 45 7.98 -14.39 -2.63
C ALA B 45 7.75 -14.27 -4.12
N LEU B 46 8.59 -13.51 -4.81
CA LEU B 46 8.39 -13.28 -6.23
C LEU B 46 8.96 -14.39 -7.09
N THR B 47 9.80 -15.26 -6.52
CA THR B 47 10.34 -16.39 -7.27
C THR B 47 9.50 -17.64 -7.11
N LEU B 48 9.10 -17.96 -5.88
CA LEU B 48 8.42 -19.23 -5.64
C LEU B 48 6.92 -19.13 -5.88
N PHE B 49 6.28 -18.09 -5.38
CA PHE B 49 4.83 -18.04 -5.49
C PHE B 49 4.39 -18.06 -6.94
N PRO B 50 4.94 -17.25 -7.85
CA PRO B 50 4.48 -17.30 -9.24
C PRO B 50 4.68 -18.65 -9.91
N MET B 51 5.64 -19.47 -9.41
CA MET B 51 5.88 -20.81 -9.90
C MET B 51 4.91 -21.82 -9.34
N GLY B 52 4.03 -21.43 -8.42
CA GLY B 52 3.16 -22.39 -7.77
C GLY B 52 3.80 -23.14 -6.62
N LYS B 53 5.06 -22.91 -6.30
CA LYS B 53 5.64 -23.47 -5.09
C LYS B 53 5.17 -22.62 -3.90
N LEU B 54 3.93 -22.89 -3.48
CA LEU B 54 3.33 -22.12 -2.39
C LEU B 54 3.87 -22.54 -1.02
N PHE B 55 4.08 -23.83 -0.79
CA PHE B 55 4.58 -24.26 0.52
C PHE B 55 5.97 -23.73 0.78
N ALA B 56 6.88 -23.93 -0.17
CA ALA B 56 8.23 -23.41 -0.02
C ALA B 56 8.21 -21.90 0.15
N GLY B 57 7.39 -21.21 -0.65
CA GLY B 57 7.28 -19.76 -0.52
C GLY B 57 6.84 -19.34 0.87
N ALA B 58 5.87 -20.06 1.44
CA ALA B 58 5.36 -19.73 2.77
C ALA B 58 6.42 -19.98 3.82
N CYS B 59 7.17 -21.06 3.69
CA CYS B 59 8.25 -21.32 4.63
C CYS B 59 9.28 -20.21 4.59
N VAL B 60 9.66 -19.79 3.39
CA VAL B 60 10.70 -18.77 3.24
C VAL B 60 10.22 -17.44 3.81
N VAL B 61 9.00 -17.07 3.47
CA VAL B 61 8.47 -15.80 3.95
C VAL B 61 8.36 -15.83 5.46
N TRP B 62 7.93 -16.97 6.01
CA TRP B 62 7.86 -17.06 7.46
C TRP B 62 9.24 -16.98 8.08
N PHE B 63 10.20 -17.69 7.50
CA PHE B 63 11.57 -17.61 7.96
C PHE B 63 11.98 -16.15 8.09
N PHE B 64 11.88 -15.41 7.00
CA PHE B 64 12.40 -14.04 7.00
C PHE B 64 11.53 -13.08 7.81
N VAL B 65 10.26 -13.40 8.02
CA VAL B 65 9.48 -12.68 9.02
C VAL B 65 10.21 -12.76 10.34
N LEU B 66 10.54 -13.97 10.76
CA LEU B 66 11.20 -14.15 12.04
C LEU B 66 12.60 -13.55 12.03
N PHE B 67 13.33 -13.77 10.93
CA PHE B 67 14.69 -13.28 10.75
C PHE B 67 14.77 -11.75 10.82
N ASP B 68 13.69 -11.04 10.52
CA ASP B 68 13.70 -9.59 10.60
C ASP B 68 13.56 -9.07 12.02
N MET B 69 13.06 -9.91 12.94
CA MET B 69 13.04 -9.57 14.36
C MET B 69 14.45 -9.34 14.90
N LEU B 70 15.48 -9.83 14.21
CA LEU B 70 16.85 -9.67 14.67
C LEU B 70 17.31 -8.23 14.61
N ASP B 71 16.64 -7.39 13.82
CA ASP B 71 17.01 -5.97 13.82
C ASP B 71 16.65 -5.33 15.16
N GLY B 72 15.47 -5.67 15.69
CA GLY B 72 15.08 -5.18 17.00
C GLY B 72 15.92 -5.78 18.12
N ALA B 73 16.25 -7.07 18.00
CA ALA B 73 17.15 -7.67 18.99
C ALA B 73 18.48 -6.93 19.02
N MET B 74 19.03 -6.64 17.84
CA MET B 74 20.31 -5.94 17.74
C MET B 74 20.20 -4.51 18.28
N ALA B 75 19.09 -3.85 18.01
CA ALA B 75 18.86 -2.49 18.53
C ALA B 75 18.80 -2.49 20.05
N ARG B 76 18.06 -3.44 20.65
CA ARG B 76 18.01 -3.51 22.10
C ARG B 76 19.37 -3.80 22.72
N GLU B 77 20.12 -4.76 22.16
CA GLU B 77 21.44 -5.06 22.72
C GLU B 77 22.52 -4.09 22.25
N ARG B 78 22.11 -2.95 21.69
CA ARG B 78 23.04 -1.90 21.23
C ARG B 78 22.82 -0.58 21.94
N GLY B 79 22.00 -0.54 22.98
CA GLY B 79 21.71 0.70 23.65
C GLY B 79 20.81 1.64 22.88
N GLY B 80 20.08 1.14 21.90
CA GLY B 80 19.12 1.96 21.20
C GLY B 80 19.03 1.64 19.73
N GLY B 81 17.81 1.61 19.21
CA GLY B 81 17.61 1.71 17.79
C GLY B 81 17.62 3.18 17.38
N THR B 82 17.46 3.41 16.10
CA THR B 82 17.43 4.77 15.59
C THR B 82 16.06 5.05 14.98
N ARG B 83 15.78 6.34 14.83
CA ARG B 83 14.54 6.76 14.18
C ARG B 83 14.52 6.30 12.74
N PHE B 84 15.62 6.52 12.03
CA PHE B 84 15.69 6.01 10.66
C PHE B 84 15.46 4.52 10.64
N GLY B 85 16.07 3.79 11.56
CA GLY B 85 15.87 2.35 11.60
C GLY B 85 14.43 1.96 11.70
N ALA B 86 13.69 2.61 12.60
CA ALA B 86 12.26 2.33 12.72
C ALA B 86 11.55 2.56 11.41
N VAL B 87 11.83 3.70 10.78
CA VAL B 87 11.15 4.03 9.54
C VAL B 87 11.51 3.02 8.46
N LEU B 88 12.77 2.61 8.41
CA LEU B 88 13.22 1.66 7.38
C LEU B 88 12.62 0.29 7.61
N ASP B 89 12.58 -0.16 8.86
CA ASP B 89 11.99 -1.45 9.18
C ASP B 89 10.52 -1.49 8.78
N ALA B 90 9.78 -0.42 9.09
CA ALA B 90 8.36 -0.40 8.74
C ALA B 90 8.16 -0.36 7.23
N THR B 91 8.89 0.52 6.55
CA THR B 91 8.82 0.60 5.10
C THR B 91 9.07 -0.77 4.49
N CYS B 92 10.05 -1.50 5.04
CA CYS B 92 10.41 -2.82 4.54
C CYS B 92 9.29 -3.81 4.78
N ASP B 93 8.62 -3.72 5.91
CA ASP B 93 7.45 -4.56 6.12
C ASP B 93 6.42 -4.34 5.03
N ARG B 94 6.23 -3.08 4.64
CA ARG B 94 5.22 -2.79 3.62
C ARG B 94 5.64 -3.39 2.27
N ILE B 95 6.90 -3.22 1.90
CA ILE B 95 7.42 -3.78 0.66
C ILE B 95 7.28 -5.29 0.65
N SER B 96 7.66 -5.92 1.77
CA SER B 96 7.61 -7.36 1.88
C SER B 96 6.18 -7.87 1.73
N ASP B 97 5.23 -7.21 2.38
CA ASP B 97 3.85 -7.67 2.27
C ASP B 97 3.34 -7.51 0.84
N GLY B 98 3.65 -6.37 0.21
CA GLY B 98 3.31 -6.22 -1.18
C GLY B 98 3.87 -7.33 -2.04
N ALA B 99 5.09 -7.77 -1.75
CA ALA B 99 5.69 -8.81 -2.56
C ALA B 99 5.02 -10.16 -2.35
N VAL B 100 4.70 -10.49 -1.08
CA VAL B 100 3.99 -11.73 -0.81
C VAL B 100 2.71 -11.78 -1.62
N PHE B 101 1.89 -10.74 -1.49
CA PHE B 101 0.62 -10.79 -2.19
C PHE B 101 0.80 -10.71 -3.70
N CYS B 102 1.84 -10.04 -4.20
CA CYS B 102 2.04 -9.96 -5.64
C CYS B 102 2.39 -11.33 -6.22
N GLY B 103 3.26 -12.08 -5.56
CA GLY B 103 3.57 -13.42 -6.04
C GLY B 103 2.36 -14.32 -6.01
N LEU B 104 1.63 -14.31 -4.88
CA LEU B 104 0.44 -15.14 -4.78
C LEU B 104 -0.57 -14.75 -5.86
N LEU B 105 -0.73 -13.45 -6.11
CA LEU B 105 -1.61 -12.96 -7.16
C LEU B 105 -1.20 -13.46 -8.51
N TRP B 106 0.10 -13.45 -8.81
CA TRP B 106 0.51 -13.95 -10.11
C TRP B 106 0.03 -15.37 -10.28
N TRP B 107 0.29 -16.19 -9.26
CA TRP B 107 -0.16 -17.58 -9.32
C TRP B 107 -1.67 -17.68 -9.50
N ILE B 108 -2.42 -16.94 -8.70
CA ILE B 108 -3.87 -17.05 -8.71
C ILE B 108 -4.45 -16.54 -10.03
N ALA B 109 -3.91 -15.43 -10.53
CA ALA B 109 -4.49 -14.77 -11.68
C ALA B 109 -4.20 -15.51 -12.97
N PHE B 110 -3.00 -16.09 -13.11
CA PHE B 110 -2.61 -16.69 -14.37
C PHE B 110 -2.46 -18.19 -14.32
N HIS B 111 -2.58 -18.84 -13.16
CA HIS B 111 -2.47 -20.29 -13.13
C HIS B 111 -3.63 -20.93 -12.35
N MET B 112 -4.72 -20.21 -12.17
CA MET B 112 -5.93 -20.74 -11.59
C MET B 112 -7.09 -20.13 -12.35
N ARG B 113 -8.29 -20.57 -12.05
CA ARG B 113 -9.49 -20.02 -12.68
C ARG B 113 -10.46 -19.57 -11.60
N ASP B 114 -10.01 -18.62 -10.78
CA ASP B 114 -10.76 -18.16 -9.62
C ASP B 114 -10.70 -16.64 -9.62
N ARG B 115 -11.65 -16.00 -10.31
N ARG B 115 -11.61 -16.04 -10.39
CA ARG B 115 -11.65 -14.55 -10.40
CA ARG B 115 -11.74 -14.58 -10.45
C ARG B 115 -12.02 -13.91 -9.07
C ARG B 115 -12.02 -13.97 -9.09
N PRO B 116 -13.04 -14.41 -8.35
CA PRO B 116 -13.28 -13.86 -7.01
C PRO B 116 -12.06 -13.95 -6.14
N LEU B 117 -11.29 -15.04 -6.27
CA LEU B 117 -10.09 -15.16 -5.46
C LEU B 117 -9.06 -14.11 -5.85
N VAL B 118 -8.95 -13.79 -7.15
CA VAL B 118 -8.10 -12.66 -7.53
C VAL B 118 -8.58 -11.40 -6.82
N ILE B 119 -9.89 -11.17 -6.77
CA ILE B 119 -10.38 -9.97 -6.11
C ILE B 119 -9.99 -9.97 -4.64
N ALA B 120 -10.15 -11.11 -3.97
CA ALA B 120 -9.78 -11.21 -2.56
C ALA B 120 -8.31 -10.92 -2.36
N THR B 121 -7.46 -11.44 -3.24
CA THR B 121 -6.02 -11.21 -3.15
C THR B 121 -5.70 -9.74 -3.37
N LEU B 122 -6.35 -9.09 -4.33
CA LEU B 122 -6.10 -7.66 -4.54
C LEU B 122 -6.55 -6.86 -3.32
N ILE B 123 -7.69 -7.21 -2.74
CA ILE B 123 -8.14 -6.54 -1.53
C ILE B 123 -7.09 -6.70 -0.45
N CYS B 124 -6.61 -7.92 -0.24
CA CYS B 124 -5.56 -8.14 0.75
C CYS B 124 -4.32 -7.31 0.42
N LEU B 125 -3.95 -7.27 -0.86
CA LEU B 125 -2.78 -6.52 -1.28
C LEU B 125 -2.90 -5.07 -0.85
N VAL B 126 -4.03 -4.44 -1.16
CA VAL B 126 -4.21 -3.02 -0.87
C VAL B 126 -4.37 -2.78 0.63
N THR B 127 -5.17 -3.62 1.30
CA THR B 127 -5.45 -3.40 2.71
C THR B 127 -4.21 -3.65 3.56
N SER B 128 -3.30 -4.52 3.12
CA SER B 128 -2.08 -4.73 3.90
C SER B 128 -1.26 -3.46 3.95
N GLN B 129 -1.42 -2.60 2.95
CA GLN B 129 -0.77 -1.30 2.95
C GLN B 129 -1.58 -0.29 3.77
N VAL B 130 -2.87 -0.19 3.48
CA VAL B 130 -3.70 0.84 4.07
C VAL B 130 -3.76 0.69 5.59
N ILE B 131 -3.78 -0.55 6.09
CA ILE B 131 -3.83 -0.75 7.53
C ILE B 131 -2.63 -0.09 8.19
N SER B 132 -1.43 -0.40 7.71
CA SER B 132 -0.22 0.20 8.23
C SER B 132 -0.23 1.71 8.06
N TYR B 133 -0.72 2.19 6.91
CA TYR B 133 -0.75 3.61 6.60
C TYR B 133 -1.60 4.39 7.62
N ILE B 134 -2.76 3.86 7.96
CA ILE B 134 -3.64 4.53 8.91
C ILE B 134 -2.90 4.77 10.22
N LYS B 135 -2.20 3.75 10.69
CA LYS B 135 -1.41 3.88 11.91
C LYS B 135 -0.35 4.96 11.74
N ALA B 136 0.45 4.86 10.68
CA ALA B 136 1.56 5.80 10.53
C ALA B 136 1.06 7.23 10.41
N ARG B 137 -0.05 7.44 9.70
CA ARG B 137 -0.57 8.79 9.44
C ARG B 137 -1.20 9.39 10.69
N ALA B 138 -1.96 8.58 11.45
CA ALA B 138 -2.50 9.03 12.73
C ALA B 138 -1.38 9.47 13.66
N GLU B 139 -0.34 8.65 13.77
CA GLU B 139 0.79 9.03 14.60
C GLU B 139 1.45 10.31 14.09
N ALA B 140 1.59 10.45 12.77
CA ALA B 140 2.12 11.66 12.19
C ALA B 140 1.31 12.89 12.59
N SER B 141 0.03 12.72 12.90
CA SER B 141 -0.76 13.84 13.43
C SER B 141 -0.85 13.87 14.95
N GLY B 142 -0.12 12.99 15.64
CA GLY B 142 -0.22 12.90 17.07
C GLY B 142 -1.40 12.13 17.61
N LEU B 143 -2.12 11.41 16.74
CA LEU B 143 -3.20 10.54 17.16
C LEU B 143 -2.72 9.09 17.12
N ARG B 144 -3.56 8.20 17.65
CA ARG B 144 -3.33 6.76 17.59
C ARG B 144 -4.13 6.14 16.46
N GLY B 145 -3.58 5.09 15.87
CA GLY B 145 -4.26 4.43 14.75
C GLY B 145 -3.96 2.96 14.64
N ASP B 146 -3.95 2.25 15.76
CA ASP B 146 -3.62 0.84 15.76
C ASP B 146 -4.85 0.00 16.09
N GLY B 147 -4.62 -1.27 16.35
CA GLY B 147 -5.68 -2.18 16.74
C GLY B 147 -6.23 -2.96 15.57
N GLY B 148 -7.17 -3.82 15.91
CA GLY B 148 -7.79 -4.70 14.94
C GLY B 148 -7.31 -6.11 15.14
N ARG B 152 -0.61 -7.59 12.02
CA ARG B 152 0.13 -8.08 10.85
C ARG B 152 0.62 -9.52 10.96
N PRO B 153 1.20 -9.90 12.11
CA PRO B 153 1.63 -11.28 12.27
C PRO B 153 0.56 -12.30 11.97
N GLU B 154 -0.68 -12.06 12.42
CA GLU B 154 -1.73 -13.04 12.13
C GLU B 154 -2.19 -12.95 10.69
N ARG B 155 -2.13 -11.76 10.09
CA ARG B 155 -2.42 -11.65 8.65
C ARG B 155 -1.54 -12.60 7.85
N LEU B 156 -0.23 -12.53 8.08
CA LEU B 156 0.70 -13.40 7.40
C LEU B 156 0.47 -14.84 7.80
N ILE B 157 0.16 -15.09 9.07
CA ILE B 157 -0.18 -16.44 9.49
C ILE B 157 -1.30 -17.00 8.61
N ILE B 158 -2.34 -16.20 8.40
CA ILE B 158 -3.50 -16.67 7.64
C ILE B 158 -3.11 -16.95 6.20
N VAL B 159 -2.57 -15.97 5.50
CA VAL B 159 -2.39 -16.18 4.07
C VAL B 159 -1.31 -17.22 3.82
N LEU B 160 -0.24 -17.23 4.63
CA LEU B 160 0.83 -18.19 4.43
C LEU B 160 0.41 -19.59 4.83
N THR B 161 -0.37 -19.75 5.89
CA THR B 161 -0.90 -21.06 6.22
C THR B 161 -1.81 -21.58 5.13
N GLY B 162 -2.75 -20.74 4.69
CA GLY B 162 -3.59 -21.12 3.56
C GLY B 162 -2.76 -21.60 2.39
N ALA B 163 -1.72 -20.83 2.05
CA ALA B 163 -0.86 -21.20 0.92
C ALA B 163 -0.13 -22.51 1.18
N GLY B 164 0.55 -22.62 2.31
CA GLY B 164 1.34 -23.82 2.59
C GLY B 164 0.50 -25.08 2.62
N VAL B 165 -0.68 -25.00 3.23
CA VAL B 165 -1.59 -26.14 3.24
C VAL B 165 -2.07 -26.41 1.82
N SER B 166 -2.28 -25.36 1.04
CA SER B 166 -2.74 -25.56 -0.33
C SER B 166 -1.71 -26.34 -1.14
N ASP B 167 -0.42 -26.19 -0.80
CA ASP B 167 0.68 -26.80 -1.53
C ASP B 167 1.41 -27.76 -0.60
N PHE B 168 0.68 -28.30 0.37
CA PHE B 168 1.30 -29.06 1.43
C PHE B 168 1.90 -30.34 0.88
N PRO B 169 3.14 -30.68 1.24
CA PRO B 169 3.79 -31.85 0.63
C PRO B 169 3.02 -33.13 0.90
N PHE B 170 2.61 -33.80 -0.19
CA PHE B 170 2.01 -35.13 -0.18
C PHE B 170 0.53 -35.13 0.18
N VAL B 171 0.11 -34.28 1.11
CA VAL B 171 -1.30 -34.24 1.52
C VAL B 171 -1.84 -32.82 1.44
N PRO B 172 -1.81 -32.18 0.26
CA PRO B 172 -2.31 -30.81 0.15
C PRO B 172 -3.84 -30.73 0.17
N TRP B 173 -4.32 -29.56 0.56
CA TRP B 173 -5.73 -29.22 0.53
C TRP B 173 -5.84 -27.86 -0.15
N PRO B 174 -5.95 -27.83 -1.48
CA PRO B 174 -5.87 -26.58 -2.22
C PRO B 174 -6.82 -25.52 -1.69
N PRO B 175 -8.08 -25.86 -1.37
CA PRO B 175 -9.04 -24.82 -0.97
C PRO B 175 -8.51 -23.90 0.14
N ALA B 176 -7.56 -24.40 0.92
CA ALA B 176 -7.02 -23.62 2.04
C ALA B 176 -6.54 -22.25 1.60
N LEU B 177 -6.01 -22.13 0.39
CA LEU B 177 -5.63 -20.82 -0.12
C LEU B 177 -6.81 -19.89 -0.22
N SER B 178 -7.86 -20.31 -0.92
CA SER B 178 -9.02 -19.44 -1.07
C SER B 178 -9.58 -19.07 0.29
N VAL B 179 -9.70 -20.06 1.18
CA VAL B 179 -10.12 -19.77 2.55
C VAL B 179 -9.20 -18.73 3.18
N GLY B 180 -7.90 -19.02 3.20
CA GLY B 180 -6.95 -18.08 3.77
C GLY B 180 -7.19 -16.67 3.26
N MET B 181 -7.28 -16.51 1.95
CA MET B 181 -7.37 -15.16 1.42
C MET B 181 -8.71 -14.54 1.80
N TRP B 182 -9.80 -15.29 1.62
CA TRP B 182 -11.14 -14.72 1.85
C TRP B 182 -11.31 -14.26 3.30
N LEU B 183 -10.87 -15.05 4.26
CA LEU B 183 -10.91 -14.58 5.63
C LEU B 183 -10.07 -13.31 5.76
N LEU B 184 -8.82 -13.37 5.31
CA LEU B 184 -7.94 -12.23 5.47
C LEU B 184 -8.58 -10.99 4.87
N ALA B 185 -9.06 -11.11 3.63
CA ALA B 185 -9.62 -9.96 2.96
C ALA B 185 -10.71 -9.33 3.81
N VAL B 186 -11.62 -10.16 4.30
CA VAL B 186 -12.68 -9.62 5.15
C VAL B 186 -12.08 -9.03 6.42
N ALA B 187 -11.30 -9.84 7.14
CA ALA B 187 -10.70 -9.31 8.36
C ALA B 187 -9.97 -8.01 8.07
N SER B 188 -9.28 -7.94 6.92
CA SER B 188 -8.47 -6.75 6.70
C SER B 188 -9.35 -5.55 6.54
N VAL B 189 -10.45 -5.69 5.81
CA VAL B 189 -11.35 -4.56 5.68
C VAL B 189 -11.86 -4.15 7.05
N ILE B 190 -12.26 -5.12 7.87
CA ILE B 190 -12.72 -4.79 9.20
C ILE B 190 -11.67 -3.97 9.93
N THR B 191 -10.41 -4.44 9.86
CA THR B 191 -9.34 -3.77 10.59
C THR B 191 -9.24 -2.31 10.16
N CYS B 192 -9.35 -2.06 8.86
CA CYS B 192 -9.24 -0.69 8.39
C CYS B 192 -10.23 0.20 9.11
N VAL B 193 -11.52 -0.15 9.11
CA VAL B 193 -12.48 0.76 9.73
C VAL B 193 -12.20 0.85 11.22
N GLN B 194 -11.84 -0.27 11.85
CA GLN B 194 -11.51 -0.20 13.27
C GLN B 194 -10.41 0.83 13.51
N ARG B 195 -9.37 0.80 12.68
CA ARG B 195 -8.25 1.69 12.95
C ARG B 195 -8.66 3.14 12.78
N LEU B 196 -9.44 3.44 11.73
CA LEU B 196 -9.93 4.80 11.58
C LEU B 196 -10.76 5.20 12.81
N HIS B 197 -11.51 4.26 13.36
CA HIS B 197 -12.30 4.60 14.53
C HIS B 197 -11.39 5.00 15.68
N THR B 198 -10.29 4.27 15.83
CA THR B 198 -9.29 4.62 16.83
C THR B 198 -8.69 5.99 16.56
N VAL B 199 -8.49 6.34 15.29
CA VAL B 199 -8.09 7.71 15.00
C VAL B 199 -9.17 8.65 15.49
N TRP B 200 -10.41 8.36 15.06
CA TRP B 200 -11.51 9.26 15.34
C TRP B 200 -11.59 9.52 16.83
N THR B 201 -11.37 8.49 17.65
CA THR B 201 -11.50 8.59 19.11
C THR B 201 -10.22 9.02 19.80
N SER B 202 -9.19 9.38 19.04
CA SER B 202 -7.99 9.90 19.66
C SER B 202 -8.28 11.25 20.29
N PRO B 203 -7.61 11.56 21.40
CA PRO B 203 -7.70 12.90 21.97
C PRO B 203 -7.25 13.94 20.96
N GLY B 204 -8.08 14.96 20.78
CA GLY B 204 -7.77 16.03 19.86
C GLY B 204 -8.13 15.75 18.43
N ALA B 205 -8.62 14.56 18.12
CA ALA B 205 -8.82 14.17 16.72
C ALA B 205 -9.83 15.07 16.03
N ILE B 206 -10.92 15.43 16.71
CA ILE B 206 -12.03 16.10 16.04
C ILE B 206 -12.17 17.58 16.42
N ASP B 207 -11.30 18.12 17.25
CA ASP B 207 -11.27 19.57 17.42
C ASP B 207 -11.01 20.26 16.08
N ARG B 208 -11.78 21.31 15.81
CA ARG B 208 -11.65 22.01 14.54
C ARG B 208 -10.60 23.11 14.64
N MET B 209 -9.80 23.24 13.60
CA MET B 209 -8.67 24.16 13.58
C MET B 209 -8.44 24.79 12.23
#